data_4I71
#
_entry.id   4I71
#
_cell.length_a   66.360
_cell.length_b   72.350
_cell.length_c   133.280
_cell.angle_alpha   90.000
_cell.angle_beta   90.000
_cell.angle_gamma   90.000
#
_symmetry.space_group_name_H-M   'C 2 2 21'
#
loop_
_entity.id
_entity.type
_entity.pdbx_description
1 polymer 'Inosine-adenosine-guanosine-nucleoside hydrolase'
2 non-polymer (2R,3R,4S)-1-[(4-amino-5H-pyrrolo[3,2-d]pyrimidin-7-yl)methyl]-2-(hydroxymethyl)pyrrolidine-3,4-diol
3 non-polymer 'CALCIUM ION'
4 non-polymer 'NICKEL (II) ION'
5 non-polymer 2-AMINO-2-HYDROXYMETHYL-PROPANE-1,3-DIOL
6 water water
#
_entity_poly.entity_id   1
_entity_poly.type   'polypeptide(L)'
_entity_poly.pdbx_seq_one_letter_code
;GSHMAKTVILDHDGNKDDFVAMILLLSNPKKVNLIGCICTDADCFVENGFDVTGKIMCAMHRLIKTPLFPIGKSTATAVN
AFPTEWRFSAKNLDDMPFLNIVEDVALWEKLKPENEAHNGQQLLADLVMKSKEKVTVCVTGPLSNMAWCIEKYGEAFTSK
VEECVIMGGAVDVGGNVFLPTTDGSAEWNIYWDPPAAKKVLCCPNIRCVLFSLDATNTVPVRSVDVKGFGAQNQYLLSQM
VGTMWAMSTHEEILRDGDAYYAWDALTAAYILEPTIATLEPVALDVDVSKGKSEGRTPRASGEGKPCVHVARNPSKQMFH
DLVFASTRVC
;
_entity_poly.pdbx_strand_id   A
#
loop_
_chem_comp.id
_chem_comp.type
_chem_comp.name
_chem_comp.formula
AGV non-polymer (2R,3R,4S)-1-[(4-amino-5H-pyrrolo[3,2-d]pyrimidin-7-yl)methyl]-2-(hydroxymethyl)pyrrolidine-3,4-diol 'C12 H17 N5 O3'
CA non-polymer 'CALCIUM ION' 'Ca 2'
NI non-polymer 'NICKEL (II) ION' 'Ni 2'
TRS non-polymer 2-AMINO-2-HYDROXYMETHYL-PROPANE-1,3-DIOL 'C4 H12 N O3 1'
#
# COMPACT_ATOMS: atom_id res chain seq x y z
N GLY A 1 27.42 -3.17 1.25
CA GLY A 1 27.11 -4.57 0.71
C GLY A 1 25.86 -5.15 1.38
N SER A 2 25.16 -4.26 2.07
CA SER A 2 24.00 -4.58 2.94
C SER A 2 23.65 -3.35 3.76
N HIS A 3 24.52 -2.36 3.78
CA HIS A 3 24.34 -1.16 4.62
C HIS A 3 23.65 0.01 3.88
N MET A 4 23.22 -0.17 2.64
CA MET A 4 22.63 0.93 1.86
C MET A 4 21.11 0.66 1.66
N ALA A 5 20.34 1.69 1.87
CA ALA A 5 18.88 1.63 1.78
C ALA A 5 18.37 1.59 0.34
N LYS A 6 17.24 0.94 0.13
CA LYS A 6 16.55 0.91 -1.15
C LYS A 6 15.78 2.23 -1.28
N THR A 7 15.73 2.80 -2.46
CA THR A 7 14.89 3.98 -2.79
C THR A 7 13.50 3.46 -3.13
N VAL A 8 12.48 3.95 -2.42
CA VAL A 8 11.11 3.41 -2.52
C VAL A 8 10.12 4.53 -2.65
N ILE A 9 9.10 4.33 -3.46
CA ILE A 9 7.89 5.15 -3.50
C ILE A 9 6.70 4.27 -3.12
N LEU A 10 5.83 4.78 -2.26
CA LEU A 10 4.57 4.10 -1.92
C LEU A 10 3.42 4.75 -2.67
N ASP A 11 2.75 3.91 -3.47
CA ASP A 11 1.56 4.31 -4.28
C ASP A 11 0.37 3.57 -3.64
N HIS A 12 -0.38 4.31 -2.80
CA HIS A 12 -1.37 3.72 -1.92
C HIS A 12 -2.73 4.34 -2.08
N ASP A 13 -3.74 3.70 -1.48
CA ASP A 13 -5.10 4.25 -1.52
C ASP A 13 -5.74 4.37 -0.17
N GLY A 14 -4.93 4.55 0.88
CA GLY A 14 -5.42 5.20 2.10
C GLY A 14 -6.38 4.43 2.99
N ASN A 15 -6.42 3.10 2.90
CA ASN A 15 -7.13 2.36 3.92
C ASN A 15 -6.17 2.13 5.14
N LYS A 16 -6.70 1.55 6.21
CA LYS A 16 -5.89 1.36 7.41
C LYS A 16 -4.63 0.60 7.11
N ASP A 17 -4.78 -0.45 6.32
N ASP A 17 -4.71 -0.50 6.37
CA ASP A 17 -3.72 -1.32 5.93
CA ASP A 17 -3.49 -1.24 6.13
C ASP A 17 -2.59 -0.57 5.16
C ASP A 17 -2.51 -0.46 5.25
N ASP A 18 -3.01 0.34 4.29
CA ASP A 18 -2.07 1.19 3.52
C ASP A 18 -1.14 1.98 4.47
N PHE A 19 -1.72 2.51 5.53
CA PHE A 19 -0.95 3.26 6.50
C PHE A 19 -0.06 2.40 7.37
N VAL A 20 -0.48 1.17 7.68
CA VAL A 20 0.44 0.27 8.34
C VAL A 20 1.65 0.02 7.43
N ALA A 21 1.41 -0.22 6.13
CA ALA A 21 2.48 -0.42 5.16
C ALA A 21 3.37 0.82 5.14
N MET A 22 2.81 2.03 5.10
CA MET A 22 3.64 3.25 5.12
C MET A 22 4.52 3.30 6.35
N ILE A 23 3.94 3.01 7.52
CA ILE A 23 4.69 3.00 8.74
C ILE A 23 5.83 2.00 8.72
N LEU A 24 5.58 0.80 8.22
CA LEU A 24 6.65 -0.16 8.15
C LEU A 24 7.81 0.32 7.29
N LEU A 25 7.48 0.90 6.14
CA LEU A 25 8.53 1.42 5.25
C LEU A 25 9.27 2.58 5.89
N LEU A 26 8.54 3.59 6.36
CA LEU A 26 9.13 4.81 6.84
C LEU A 26 9.90 4.63 8.16
N SER A 27 9.49 3.67 8.99
CA SER A 27 10.13 3.43 10.29
C SER A 27 11.47 2.67 10.18
N ASN A 28 11.84 2.27 8.97
CA ASN A 28 13.04 1.46 8.72
C ASN A 28 14.03 2.15 7.74
N PRO A 29 14.49 3.38 8.08
CA PRO A 29 15.40 4.11 7.17
C PRO A 29 16.70 3.38 6.86
N LYS A 30 17.17 2.48 7.72
CA LYS A 30 18.36 1.71 7.33
CA LYS A 30 18.37 1.76 7.29
C LYS A 30 18.13 0.90 6.04
N LYS A 31 16.90 0.42 5.89
CA LYS A 31 16.52 -0.41 4.77
C LYS A 31 15.83 0.31 3.62
N VAL A 32 15.10 1.39 3.93
CA VAL A 32 14.25 2.08 2.97
C VAL A 32 14.37 3.59 3.08
N ASN A 33 14.70 4.19 1.94
CA ASN A 33 14.66 5.62 1.77
C ASN A 33 13.36 5.92 1.05
N LEU A 34 12.36 6.40 1.79
CA LEU A 34 11.02 6.65 1.21
C LEU A 34 11.07 8.05 0.60
N ILE A 35 11.06 8.12 -0.74
CA ILE A 35 11.25 9.40 -1.42
C ILE A 35 9.97 10.03 -1.91
N GLY A 36 8.83 9.37 -1.69
CA GLY A 36 7.57 9.94 -2.10
C GLY A 36 6.41 9.00 -1.81
N CYS A 37 5.21 9.62 -1.73
CA CYS A 37 3.96 8.86 -1.62
C CYS A 37 2.95 9.41 -2.59
N ILE A 38 2.18 8.50 -3.19
CA ILE A 38 1.06 8.85 -4.05
C ILE A 38 -0.17 8.33 -3.30
N CYS A 39 -1.28 9.10 -3.35
CA CYS A 39 -2.54 8.63 -2.76
CA CYS A 39 -2.55 8.72 -2.75
C CYS A 39 -3.64 8.73 -3.83
N THR A 40 -4.38 7.62 -3.97
CA THR A 40 -5.44 7.47 -4.94
C THR A 40 -6.79 7.38 -4.24
N ASP A 41 -7.79 7.99 -4.85
CA ASP A 41 -9.18 8.09 -4.37
C ASP A 41 -9.94 6.82 -4.54
N ALA A 42 -9.36 5.70 -4.08
CA ALA A 42 -9.93 4.35 -4.27
C ALA A 42 -10.50 3.92 -2.94
N ASP A 43 -9.75 3.27 -2.09
CA ASP A 43 -10.27 2.81 -0.77
C ASP A 43 -10.18 3.87 0.31
N CYS A 44 -10.30 5.11 -0.10
CA CYS A 44 -10.40 6.25 0.78
C CYS A 44 -11.08 7.39 0.03
N PHE A 45 -11.35 8.47 0.73
CA PHE A 45 -11.58 9.81 0.13
C PHE A 45 -10.21 10.47 0.11
N VAL A 46 -9.74 10.87 -1.09
CA VAL A 46 -8.35 11.21 -1.27
C VAL A 46 -7.89 12.37 -0.37
N GLU A 47 -8.76 13.34 -0.05
CA GLU A 47 -8.29 14.41 0.83
C GLU A 47 -7.90 13.87 2.21
N ASN A 48 -8.68 12.92 2.71
CA ASN A 48 -8.35 12.31 4.02
C ASN A 48 -7.10 11.46 3.89
N GLY A 49 -6.98 10.68 2.82
CA GLY A 49 -5.79 9.88 2.64
C GLY A 49 -4.51 10.74 2.53
N PHE A 50 -4.64 11.86 1.84
CA PHE A 50 -3.54 12.82 1.69
C PHE A 50 -3.13 13.38 3.05
N ASP A 51 -4.10 13.85 3.82
CA ASP A 51 -3.79 14.40 5.14
C ASP A 51 -3.17 13.37 6.09
N VAL A 52 -3.65 12.12 6.10
CA VAL A 52 -3.07 11.13 6.96
C VAL A 52 -1.62 10.84 6.53
N THR A 53 -1.39 10.70 5.24
CA THR A 53 -0.03 10.49 4.76
C THR A 53 0.87 11.62 5.22
N GLY A 54 0.43 12.85 5.05
CA GLY A 54 1.23 14.01 5.45
C GLY A 54 1.54 14.06 6.94
N LYS A 55 0.54 13.78 7.76
CA LYS A 55 0.75 13.80 9.20
C LYS A 55 1.64 12.69 9.69
N ILE A 56 1.53 11.47 9.13
CA ILE A 56 2.44 10.42 9.48
C ILE A 56 3.89 10.81 9.08
N MET A 57 4.07 11.34 7.89
CA MET A 57 5.38 11.81 7.44
C MET A 57 5.95 12.82 8.47
N CYS A 58 5.15 13.78 8.87
CA CYS A 58 5.58 14.80 9.81
C CYS A 58 5.92 14.26 11.21
N ALA A 59 5.09 13.34 11.70
CA ALA A 59 5.36 12.72 12.99
C ALA A 59 6.67 11.96 12.99
N MET A 60 6.91 11.17 11.94
CA MET A 60 8.15 10.42 11.87
CA MET A 60 8.16 10.41 11.84
C MET A 60 9.36 11.33 11.69
N HIS A 61 9.21 12.41 10.93
CA HIS A 61 10.29 13.39 10.78
C HIS A 61 10.66 13.95 12.13
N ARG A 62 9.64 14.30 12.91
CA ARG A 62 9.85 14.84 14.29
C ARG A 62 10.56 13.86 15.19
N LEU A 63 10.12 12.62 15.17
CA LEU A 63 10.63 11.65 16.17
C LEU A 63 11.94 11.00 15.81
N ILE A 64 12.15 10.65 14.55
CA ILE A 64 13.35 9.93 14.15
C ILE A 64 14.10 10.59 12.96
N LYS A 65 13.66 11.74 12.50
CA LYS A 65 14.36 12.56 11.51
CA LYS A 65 14.46 12.50 11.55
C LYS A 65 14.46 11.90 10.14
N THR A 66 13.49 11.03 9.82
CA THR A 66 13.36 10.61 8.43
C THR A 66 13.07 11.86 7.62
N PRO A 67 13.61 11.94 6.39
CA PRO A 67 13.33 13.12 5.58
C PRO A 67 11.85 13.29 5.25
N LEU A 68 11.49 14.56 5.07
CA LEU A 68 10.25 14.88 4.37
C LEU A 68 10.35 14.47 2.89
N PHE A 69 9.23 14.32 2.25
CA PHE A 69 9.19 13.89 0.87
C PHE A 69 7.92 14.41 0.21
N PRO A 70 7.91 14.45 -1.12
CA PRO A 70 6.70 14.89 -1.82
C PRO A 70 5.57 13.86 -1.71
N ILE A 71 4.36 14.39 -1.62
CA ILE A 71 3.16 13.59 -1.59
C ILE A 71 2.25 14.17 -2.68
N GLY A 72 1.62 13.29 -3.46
CA GLY A 72 0.72 13.69 -4.52
C GLY A 72 -0.57 12.95 -4.55
N LYS A 73 -1.66 13.70 -4.72
CA LYS A 73 -2.98 13.12 -4.93
C LYS A 73 -3.13 12.75 -6.41
N SER A 74 -3.33 11.48 -6.69
CA SER A 74 -3.66 11.03 -8.05
C SER A 74 -5.04 11.55 -8.44
N THR A 75 -5.18 11.86 -9.72
CA THR A 75 -6.49 12.14 -10.29
C THR A 75 -7.13 10.93 -10.97
N ALA A 76 -6.56 9.74 -10.79
CA ALA A 76 -7.20 8.52 -11.34
C ALA A 76 -8.62 8.40 -10.79
N THR A 77 -9.52 7.94 -11.65
CA THR A 77 -10.89 7.74 -11.29
C THR A 77 -11.29 6.28 -11.36
N ALA A 78 -12.26 5.90 -10.56
CA ALA A 78 -12.70 4.52 -10.49
C ALA A 78 -13.40 4.05 -11.77
N VAL A 79 -13.12 2.79 -12.14
CA VAL A 79 -14.05 2.05 -13.01
C VAL A 79 -15.18 1.51 -12.10
N ASN A 80 -14.78 0.77 -11.05
CA ASN A 80 -15.72 0.19 -10.08
C ASN A 80 -15.30 0.63 -8.68
N ALA A 81 -16.00 1.62 -8.17
CA ALA A 81 -15.66 2.22 -6.90
C ALA A 81 -15.78 1.30 -5.71
N PHE A 82 -14.97 1.58 -4.69
CA PHE A 82 -15.04 0.87 -3.45
C PHE A 82 -16.32 1.15 -2.71
N PRO A 83 -16.74 0.22 -1.84
CA PRO A 83 -17.90 0.48 -0.97
C PRO A 83 -17.65 1.72 -0.12
N THR A 84 -18.63 2.58 -0.08
CA THR A 84 -18.48 3.83 0.60
C THR A 84 -18.05 3.68 2.06
N GLU A 85 -18.61 2.69 2.76
CA GLU A 85 -18.28 2.51 4.16
C GLU A 85 -16.79 2.28 4.39
N TRP A 86 -16.17 1.50 3.53
CA TRP A 86 -14.73 1.20 3.66
C TRP A 86 -13.88 2.46 3.47
N ARG A 87 -14.36 3.35 2.62
CA ARG A 87 -13.59 4.52 2.21
C ARG A 87 -13.46 5.54 3.32
N PHE A 88 -14.30 5.49 4.34
CA PHE A 88 -14.21 6.43 5.42
C PHE A 88 -13.08 6.21 6.42
N SER A 89 -12.33 5.12 6.35
CA SER A 89 -11.37 4.83 7.43
C SER A 89 -10.32 5.92 7.57
N ALA A 90 -9.89 6.50 6.44
CA ALA A 90 -8.89 7.56 6.52
C ALA A 90 -9.43 8.79 7.21
N LYS A 91 -10.74 9.06 7.10
CA LYS A 91 -11.31 10.15 7.86
C LYS A 91 -11.21 9.87 9.37
N ASN A 92 -11.54 8.65 9.77
CA ASN A 92 -11.42 8.31 11.17
C ASN A 92 -9.97 8.48 11.65
N LEU A 93 -9.03 8.03 10.85
CA LEU A 93 -7.62 8.17 11.20
C LEU A 93 -7.19 9.63 11.29
N ASP A 94 -7.64 10.47 10.37
CA ASP A 94 -7.34 11.89 10.39
C ASP A 94 -7.73 12.52 11.71
N ASP A 95 -8.75 11.97 12.34
CA ASP A 95 -9.32 12.53 13.59
C ASP A 95 -8.73 11.91 14.86
N MET A 96 -7.85 10.91 14.74
CA MET A 96 -7.33 10.22 15.90
C MET A 96 -6.39 11.12 16.70
N PRO A 97 -6.37 10.97 18.03
CA PRO A 97 -5.54 11.84 18.84
C PRO A 97 -4.06 11.73 18.49
N PHE A 98 -3.58 10.53 18.16
CA PHE A 98 -2.17 10.34 17.79
C PHE A 98 -1.77 10.97 16.46
N LEU A 99 -2.77 11.36 15.67
N LEU A 99 -2.75 11.39 15.68
CA LEU A 99 -2.60 12.07 14.39
CA LEU A 99 -2.47 12.06 14.46
C LEU A 99 -2.97 13.55 14.47
C LEU A 99 -2.90 13.53 14.48
N ASN A 100 -3.08 14.07 15.70
CA ASN A 100 -3.43 15.48 15.91
C ASN A 100 -2.52 16.19 16.91
N ILE A 101 -1.32 15.66 17.06
CA ILE A 101 -0.33 16.33 17.87
C ILE A 101 -0.07 17.69 17.24
N VAL A 102 -0.11 18.76 18.05
CA VAL A 102 -0.15 20.12 17.53
C VAL A 102 1.04 20.40 16.60
N GLU A 103 2.24 19.99 16.99
CA GLU A 103 3.40 20.22 16.20
C GLU A 103 3.35 19.54 14.80
N ASP A 104 2.79 18.33 14.80
CA ASP A 104 2.67 17.60 13.54
C ASP A 104 1.66 18.22 12.62
N VAL A 105 0.52 18.62 13.17
CA VAL A 105 -0.56 19.26 12.41
C VAL A 105 0.03 20.57 11.84
N ALA A 106 0.79 21.32 12.64
CA ALA A 106 1.35 22.59 12.19
C ALA A 106 2.33 22.39 11.06
N LEU A 107 3.22 21.41 11.17
CA LEU A 107 4.17 21.17 10.08
C LEU A 107 3.45 20.76 8.82
N TRP A 108 2.48 19.85 8.95
CA TRP A 108 1.74 19.43 7.76
C TRP A 108 1.04 20.60 7.10
N GLU A 109 0.41 21.46 7.90
CA GLU A 109 -0.28 22.61 7.32
C GLU A 109 0.69 23.51 6.53
N LYS A 110 1.91 23.60 6.98
CA LYS A 110 2.96 24.37 6.29
CA LYS A 110 2.92 24.40 6.27
C LYS A 110 3.34 23.73 4.96
N LEU A 111 3.46 22.41 4.96
CA LEU A 111 3.90 21.66 3.77
C LEU A 111 2.77 21.36 2.78
N LYS A 112 1.53 21.48 3.20
CA LYS A 112 0.41 21.02 2.40
C LYS A 112 0.30 21.76 1.06
N PRO A 113 0.43 23.11 1.02
CA PRO A 113 0.27 23.76 -0.29
C PRO A 113 1.23 23.27 -1.37
N GLU A 114 2.52 23.08 -1.07
CA GLU A 114 3.45 22.60 -2.09
C GLU A 114 3.04 21.21 -2.58
N ASN A 115 2.50 20.39 -1.69
CA ASN A 115 2.06 19.05 -2.06
C ASN A 115 0.75 19.02 -2.82
N GLU A 116 -0.14 19.94 -2.46
CA GLU A 116 -1.41 20.06 -3.14
CA GLU A 116 -1.42 20.08 -3.13
C GLU A 116 -1.23 20.36 -4.62
N ALA A 117 -0.14 21.04 -4.97
CA ALA A 117 0.11 21.38 -6.36
C ALA A 117 0.49 20.16 -7.21
N HIS A 118 0.91 19.07 -6.58
CA HIS A 118 1.32 17.88 -7.34
C HIS A 118 0.12 17.17 -7.96
N ASN A 119 0.33 16.63 -9.15
CA ASN A 119 -0.55 15.62 -9.68
C ASN A 119 0.13 14.29 -9.35
N GLY A 120 -0.63 13.38 -8.75
CA GLY A 120 -0.03 12.15 -8.27
C GLY A 120 0.62 11.28 -9.38
N GLN A 121 -0.07 11.14 -10.52
CA GLN A 121 0.47 10.36 -11.62
C GLN A 121 1.81 10.96 -12.10
N GLN A 122 1.79 12.26 -12.32
CA GLN A 122 3.00 12.95 -12.78
C GLN A 122 4.14 12.85 -11.75
N LEU A 123 3.78 12.93 -10.47
CA LEU A 123 4.79 12.85 -9.43
C LEU A 123 5.43 11.47 -9.40
N LEU A 124 4.65 10.41 -9.54
CA LEU A 124 5.18 9.06 -9.63
C LEU A 124 6.20 8.98 -10.80
N ALA A 125 5.80 9.48 -11.95
CA ALA A 125 6.69 9.46 -13.12
C ALA A 125 7.97 10.23 -12.85
N ASP A 126 7.83 11.43 -12.32
CA ASP A 126 8.97 12.30 -12.10
C ASP A 126 9.92 11.72 -11.08
N LEU A 127 9.39 11.18 -9.97
CA LEU A 127 10.29 10.66 -8.96
C LEU A 127 11.10 9.47 -9.44
N VAL A 128 10.43 8.63 -10.20
CA VAL A 128 11.10 7.42 -10.77
C VAL A 128 12.16 7.85 -11.81
N MET A 129 11.76 8.73 -12.72
CA MET A 129 12.66 9.07 -13.81
C MET A 129 13.85 9.95 -13.37
N LYS A 130 13.70 10.74 -12.30
CA LYS A 130 14.76 11.61 -11.81
C LYS A 130 15.66 11.03 -10.74
N SER A 131 15.26 9.91 -10.17
CA SER A 131 15.99 9.29 -9.08
C SER A 131 17.38 8.88 -9.58
N LYS A 132 18.37 9.05 -8.71
CA LYS A 132 19.74 8.65 -9.01
C LYS A 132 19.82 7.14 -9.15
N GLU A 133 19.17 6.41 -8.23
CA GLU A 133 19.17 4.94 -8.21
C GLU A 133 17.84 4.43 -8.75
N LYS A 134 17.81 3.20 -9.24
CA LYS A 134 16.53 2.62 -9.62
C LYS A 134 15.62 2.54 -8.38
N VAL A 135 14.33 2.66 -8.62
CA VAL A 135 13.33 2.86 -7.57
C VAL A 135 12.45 1.64 -7.43
N THR A 136 12.21 1.18 -6.19
CA THR A 136 11.18 0.19 -5.95
C THR A 136 9.86 0.91 -5.73
N VAL A 137 8.85 0.54 -6.54
CA VAL A 137 7.50 1.12 -6.31
C VAL A 137 6.66 0.09 -5.59
N CYS A 138 6.16 0.46 -4.41
CA CYS A 138 5.25 -0.37 -3.66
C CYS A 138 3.83 0.10 -3.96
N VAL A 139 3.03 -0.76 -4.59
CA VAL A 139 1.68 -0.37 -5.02
C VAL A 139 0.70 -1.13 -4.15
N THR A 140 -0.02 -0.39 -3.29
CA THR A 140 -0.96 -0.99 -2.36
C THR A 140 -2.39 -0.57 -2.61
N GLY A 141 -2.63 0.21 -3.65
CA GLY A 141 -3.94 0.46 -4.19
C GLY A 141 -4.03 -0.05 -5.62
N PRO A 142 -4.99 0.45 -6.39
CA PRO A 142 -5.10 0.08 -7.79
C PRO A 142 -3.91 0.47 -8.61
N LEU A 143 -3.82 -0.16 -9.79
CA LEU A 143 -2.66 -0.02 -10.68
C LEU A 143 -2.72 1.15 -11.67
N SER A 144 -3.70 2.03 -11.48
CA SER A 144 -3.94 3.17 -12.37
C SER A 144 -2.75 4.11 -12.58
N ASN A 145 -2.02 4.41 -11.51
CA ASN A 145 -0.88 5.34 -11.61
C ASN A 145 0.28 4.75 -12.37
N MET A 146 0.60 3.49 -12.06
CA MET A 146 1.63 2.78 -12.80
C MET A 146 1.25 2.68 -14.28
N ALA A 147 -0.01 2.37 -14.56
CA ALA A 147 -0.46 2.26 -15.98
C ALA A 147 -0.27 3.57 -16.71
N TRP A 148 -0.61 4.66 -16.05
CA TRP A 148 -0.52 6.01 -16.65
C TRP A 148 0.93 6.30 -17.02
N CYS A 149 1.83 5.98 -16.11
CA CYS A 149 3.26 6.26 -16.32
C CYS A 149 3.83 5.40 -17.46
N ILE A 150 3.46 4.14 -17.47
CA ILE A 150 3.90 3.26 -18.54
C ILE A 150 3.39 3.79 -19.90
N GLU A 151 2.11 4.16 -19.97
CA GLU A 151 1.54 4.63 -21.22
C GLU A 151 2.21 5.90 -21.72
N LYS A 152 2.50 6.83 -20.81
CA LYS A 152 3.00 8.16 -21.19
C LYS A 152 4.47 8.10 -21.54
N TYR A 153 5.25 7.36 -20.75
CA TYR A 153 6.72 7.42 -20.79
C TYR A 153 7.44 6.15 -21.27
N GLY A 154 6.74 5.00 -21.32
CA GLY A 154 7.37 3.77 -21.83
C GLY A 154 8.71 3.48 -21.15
N GLU A 155 9.74 3.14 -21.96
CA GLU A 155 11.05 2.76 -21.46
C GLU A 155 11.72 3.73 -20.56
N ALA A 156 11.51 5.04 -20.76
CA ALA A 156 12.15 6.06 -19.94
C ALA A 156 11.68 5.92 -18.48
N PHE A 157 10.47 5.38 -18.30
CA PHE A 157 9.94 5.14 -16.97
C PHE A 157 10.30 3.73 -16.55
N THR A 158 9.96 2.71 -17.34
CA THR A 158 10.14 1.31 -16.89
C THR A 158 11.62 0.97 -16.62
N SER A 159 12.53 1.56 -17.38
CA SER A 159 13.96 1.32 -17.17
C SER A 159 14.52 1.79 -15.84
N LYS A 160 13.77 2.64 -15.13
CA LYS A 160 14.21 3.21 -13.87
C LYS A 160 13.51 2.55 -12.68
N VAL A 161 12.68 1.55 -12.95
CA VAL A 161 12.00 0.80 -11.91
C VAL A 161 12.80 -0.43 -11.61
N GLU A 162 13.26 -0.55 -10.38
CA GLU A 162 13.96 -1.72 -9.87
C GLU A 162 13.00 -2.90 -9.89
N GLU A 163 11.90 -2.74 -9.16
CA GLU A 163 10.82 -3.70 -9.17
C GLU A 163 9.59 -2.99 -8.66
N CYS A 164 8.47 -3.58 -8.98
CA CYS A 164 7.18 -3.13 -8.52
C CYS A 164 6.58 -4.20 -7.70
N VAL A 165 6.33 -3.89 -6.43
CA VAL A 165 5.81 -4.86 -5.45
C VAL A 165 4.37 -4.43 -5.20
N ILE A 166 3.45 -5.29 -5.60
CA ILE A 166 2.03 -4.96 -5.77
C ILE A 166 1.17 -5.85 -4.88
N MET A 167 0.22 -5.22 -4.18
CA MET A 167 -0.88 -5.94 -3.51
C MET A 167 -2.04 -5.96 -4.49
N GLY A 168 -2.40 -7.15 -4.97
CA GLY A 168 -3.58 -7.33 -5.77
C GLY A 168 -3.72 -8.75 -6.32
N GLY A 169 -4.94 -9.00 -6.75
CA GLY A 169 -5.22 -10.24 -7.44
C GLY A 169 -5.52 -11.43 -6.56
N ALA A 170 -5.87 -12.54 -7.22
CA ALA A 170 -6.17 -13.82 -6.56
C ALA A 170 -5.98 -14.84 -7.69
N VAL A 171 -5.00 -15.72 -7.54
CA VAL A 171 -4.58 -16.57 -8.65
C VAL A 171 -5.23 -17.96 -8.51
N ASP A 172 -4.95 -18.65 -7.40
CA ASP A 172 -5.41 -20.04 -7.18
C ASP A 172 -6.42 -20.12 -6.01
N VAL A 173 -6.85 -18.98 -5.53
CA VAL A 173 -7.86 -18.88 -4.48
C VAL A 173 -8.95 -17.90 -4.95
N GLY A 174 -10.07 -17.92 -4.24
CA GLY A 174 -11.18 -17.00 -4.49
C GLY A 174 -10.77 -15.55 -4.25
N GLY A 175 -11.59 -14.66 -4.78
CA GLY A 175 -11.38 -13.22 -4.60
C GLY A 175 -12.07 -12.69 -3.34
N ASN A 176 -12.22 -11.38 -3.31
CA ASN A 176 -12.86 -10.70 -2.19
C ASN A 176 -13.90 -9.67 -2.62
N VAL A 177 -14.26 -9.63 -3.90
CA VAL A 177 -15.26 -8.69 -4.44
C VAL A 177 -16.59 -9.42 -4.53
N PHE A 178 -17.46 -9.19 -3.60
CA PHE A 178 -18.75 -9.92 -3.47
C PHE A 178 -19.89 -8.91 -3.66
N LEU A 179 -20.43 -8.82 -4.87
CA LEU A 179 -21.50 -7.89 -5.24
C LEU A 179 -22.50 -8.68 -6.09
N PRO A 180 -23.72 -8.15 -6.23
CA PRO A 180 -24.71 -8.85 -7.07
C PRO A 180 -24.24 -9.11 -8.50
N THR A 181 -23.35 -8.26 -8.99
CA THR A 181 -22.88 -8.30 -10.37
C THR A 181 -21.54 -9.04 -10.52
N THR A 182 -21.04 -9.69 -9.45
CA THR A 182 -19.72 -10.34 -9.53
C THR A 182 -19.83 -11.78 -9.03
N ASP A 183 -18.85 -12.61 -9.42
CA ASP A 183 -18.86 -14.04 -9.05
C ASP A 183 -17.98 -14.36 -7.84
N GLY A 184 -17.36 -13.34 -7.25
CA GLY A 184 -16.49 -13.58 -6.09
C GLY A 184 -15.05 -13.98 -6.43
N SER A 185 -14.70 -14.02 -7.74
CA SER A 185 -13.38 -14.44 -8.15
C SER A 185 -12.32 -13.36 -8.19
N ALA A 186 -12.73 -12.09 -8.13
CA ALA A 186 -11.83 -10.97 -8.30
C ALA A 186 -11.44 -10.36 -6.96
N GLU A 187 -10.27 -9.74 -6.93
CA GLU A 187 -9.77 -8.97 -5.78
C GLU A 187 -9.96 -7.48 -6.06
N TRP A 188 -10.22 -6.72 -5.00
CA TRP A 188 -10.70 -5.35 -5.11
C TRP A 188 -9.74 -4.38 -5.84
N ASN A 189 -8.45 -4.43 -5.54
CA ASN A 189 -7.52 -3.49 -6.17
C ASN A 189 -7.52 -3.63 -7.68
N ILE A 190 -7.61 -4.85 -8.15
CA ILE A 190 -7.70 -5.10 -9.60
C ILE A 190 -9.05 -4.64 -10.14
N TYR A 191 -10.11 -5.06 -9.45
CA TYR A 191 -11.48 -4.76 -9.85
C TYR A 191 -11.73 -3.26 -9.95
N TRP A 192 -11.07 -2.43 -9.15
CA TRP A 192 -11.30 -0.97 -9.22
C TRP A 192 -10.97 -0.40 -10.60
N ASP A 193 -9.96 -0.96 -11.24
CA ASP A 193 -9.55 -0.51 -12.60
C ASP A 193 -8.87 -1.67 -13.33
N PRO A 194 -9.69 -2.55 -13.92
CA PRO A 194 -9.09 -3.73 -14.52
C PRO A 194 -8.16 -3.45 -15.71
N PRO A 195 -8.52 -2.51 -16.60
CA PRO A 195 -7.60 -2.22 -17.71
C PRO A 195 -6.22 -1.76 -17.26
N ALA A 196 -6.17 -0.95 -16.18
CA ALA A 196 -4.86 -0.53 -15.68
C ALA A 196 -4.05 -1.74 -15.22
N ALA A 197 -4.70 -2.67 -14.51
CA ALA A 197 -3.98 -3.84 -14.02
C ALA A 197 -3.47 -4.70 -15.18
N LYS A 198 -4.29 -4.85 -16.22
CA LYS A 198 -3.86 -5.62 -17.39
C LYS A 198 -2.61 -4.99 -18.02
N LYS A 199 -2.63 -3.68 -18.15
CA LYS A 199 -1.50 -2.94 -18.74
C LYS A 199 -0.18 -3.13 -17.94
N VAL A 200 -0.24 -3.16 -16.62
CA VAL A 200 0.98 -3.25 -15.81
C VAL A 200 1.46 -4.67 -15.60
N LEU A 201 0.54 -5.56 -15.26
CA LEU A 201 0.92 -6.89 -14.79
C LEU A 201 1.56 -7.65 -15.90
N CYS A 202 1.13 -7.44 -17.13
CA CYS A 202 1.80 -8.16 -18.23
C CYS A 202 2.72 -7.28 -19.08
N CYS A 203 3.12 -6.12 -18.54
CA CYS A 203 4.18 -5.30 -19.16
C CYS A 203 5.50 -6.11 -19.07
N PRO A 204 6.08 -6.49 -20.23
CA PRO A 204 7.25 -7.37 -20.19
C PRO A 204 8.53 -6.64 -19.72
N ASN A 205 8.43 -5.33 -19.43
CA ASN A 205 9.59 -4.51 -19.21
C ASN A 205 9.79 -4.10 -17.75
N ILE A 206 8.96 -4.63 -16.85
CA ILE A 206 9.11 -4.41 -15.39
C ILE A 206 8.97 -5.71 -14.62
N ARG A 207 9.80 -5.86 -13.62
CA ARG A 207 9.72 -6.95 -12.69
C ARG A 207 8.63 -6.63 -11.66
N CYS A 208 7.57 -7.42 -11.68
CA CYS A 208 6.48 -7.29 -10.76
C CYS A 208 6.45 -8.47 -9.79
N VAL A 209 6.39 -8.14 -8.50
CA VAL A 209 6.21 -9.12 -7.45
C VAL A 209 4.81 -8.91 -6.94
N LEU A 210 4.01 -9.96 -6.97
CA LEU A 210 2.56 -9.83 -6.71
C LEU A 210 2.22 -10.55 -5.40
N PHE A 211 1.75 -9.78 -4.43
CA PHE A 211 1.13 -10.29 -3.23
C PHE A 211 -0.38 -10.34 -3.49
N SER A 212 -0.85 -11.51 -3.93
CA SER A 212 -2.25 -11.76 -4.20
C SER A 212 -2.86 -12.38 -2.94
N LEU A 213 -4.17 -12.62 -3.00
CA LEU A 213 -4.86 -13.17 -1.83
C LEU A 213 -4.26 -14.55 -1.45
N ASP A 214 -3.68 -15.25 -2.40
CA ASP A 214 -2.98 -16.49 -2.15
C ASP A 214 -2.04 -16.37 -0.98
N ALA A 215 -1.25 -15.32 -0.94
CA ALA A 215 -0.32 -15.08 0.15
C ALA A 215 -0.96 -14.31 1.31
N THR A 216 -1.73 -13.26 0.99
CA THR A 216 -2.22 -12.39 2.07
C THR A 216 -3.27 -13.12 2.97
N ASN A 217 -3.89 -14.18 2.48
CA ASN A 217 -4.79 -14.97 3.29
C ASN A 217 -4.12 -15.56 4.54
N THR A 218 -2.78 -15.57 4.59
CA THR A 218 -1.98 -16.06 5.77
C THR A 218 -2.03 -15.12 6.93
N VAL A 219 -2.39 -13.86 6.72
CA VAL A 219 -2.24 -12.82 7.77
C VAL A 219 -3.51 -12.06 8.11
N PRO A 220 -4.54 -12.80 8.57
CA PRO A 220 -5.72 -12.10 9.05
C PRO A 220 -5.39 -11.26 10.31
N VAL A 221 -6.09 -10.13 10.46
CA VAL A 221 -5.94 -9.27 11.59
C VAL A 221 -6.87 -9.74 12.69
N ARG A 222 -6.27 -10.19 13.80
CA ARG A 222 -7.03 -10.90 14.87
C ARG A 222 -6.70 -10.33 16.22
N SER A 223 -7.72 -10.27 17.08
CA SER A 223 -7.58 -9.70 18.41
C SER A 223 -6.39 -10.22 19.21
N VAL A 224 -6.12 -11.53 19.16
CA VAL A 224 -5.05 -12.08 19.97
C VAL A 224 -3.72 -11.43 19.70
N ASP A 225 -3.47 -11.12 18.44
CA ASP A 225 -2.26 -10.42 18.01
C ASP A 225 -2.30 -8.94 18.28
N VAL A 226 -3.44 -8.32 17.93
CA VAL A 226 -3.54 -6.88 18.04
C VAL A 226 -3.37 -6.41 19.50
N LYS A 227 -3.87 -7.20 20.45
CA LYS A 227 -3.73 -6.86 21.83
C LYS A 227 -2.26 -6.73 22.26
N GLY A 228 -1.34 -7.29 21.52
CA GLY A 228 0.08 -7.16 21.79
C GLY A 228 0.61 -5.76 21.75
N PHE A 229 -0.08 -4.86 21.04
CA PHE A 229 0.37 -3.47 21.05
C PHE A 229 0.26 -2.78 22.38
N GLY A 230 -0.63 -3.26 23.27
CA GLY A 230 -0.78 -2.63 24.56
C GLY A 230 0.50 -2.54 25.33
N ALA A 231 1.32 -3.60 25.24
CA ALA A 231 2.62 -3.64 25.94
C ALA A 231 3.60 -2.61 25.41
N GLN A 232 3.29 -2.03 24.24
CA GLN A 232 4.14 -1.03 23.59
C GLN A 232 3.40 0.29 23.35
N ASN A 233 2.31 0.58 24.10
CA ASN A 233 1.47 1.78 23.89
C ASN A 233 2.25 3.08 24.11
N GLN A 234 3.40 3.03 24.78
CA GLN A 234 4.20 4.22 24.93
C GLN A 234 4.82 4.71 23.63
N TYR A 235 4.88 3.86 22.61
CA TYR A 235 5.44 4.19 21.30
C TYR A 235 4.33 4.74 20.41
N LEU A 236 4.51 5.93 19.84
CA LEU A 236 3.52 6.50 18.94
C LEU A 236 3.13 5.53 17.81
N LEU A 237 4.13 4.83 17.25
CA LEU A 237 3.84 3.96 16.11
C LEU A 237 3.00 2.74 16.53
N SER A 238 3.13 2.34 17.80
CA SER A 238 2.27 1.27 18.32
C SER A 238 0.85 1.76 18.60
N GLN A 239 0.70 2.99 19.08
CA GLN A 239 -0.61 3.58 19.17
C GLN A 239 -1.25 3.61 17.77
N MET A 240 -0.48 4.01 16.77
CA MET A 240 -0.99 4.11 15.40
C MET A 240 -1.41 2.74 14.85
N VAL A 241 -0.48 1.80 14.79
CA VAL A 241 -0.74 0.50 14.16
C VAL A 241 -1.75 -0.29 14.99
N GLY A 242 -1.56 -0.26 16.31
CA GLY A 242 -2.53 -0.94 17.15
C GLY A 242 -3.95 -0.44 16.96
N THR A 243 -4.14 0.86 16.84
CA THR A 243 -5.45 1.40 16.61
C THR A 243 -5.96 1.03 15.20
N MET A 244 -5.11 1.15 14.17
CA MET A 244 -5.47 0.84 12.82
C MET A 244 -5.99 -0.61 12.72
N TRP A 245 -5.28 -1.51 13.38
CA TRP A 245 -5.68 -2.91 13.40
C TRP A 245 -6.88 -3.20 14.31
N ALA A 246 -6.94 -2.57 15.48
CA ALA A 246 -8.07 -2.75 16.39
C ALA A 246 -9.39 -2.31 15.78
N MET A 247 -9.33 -1.39 14.83
CA MET A 247 -10.54 -0.97 14.11
C MET A 247 -11.09 -2.04 13.15
N SER A 248 -10.38 -3.14 13.00
CA SER A 248 -10.68 -4.12 11.95
C SER A 248 -10.82 -5.57 12.45
N THR A 249 -10.57 -5.80 13.74
CA THR A 249 -10.51 -7.16 14.25
C THR A 249 -11.88 -7.85 14.31
N HIS A 250 -12.96 -7.10 14.16
CA HIS A 250 -14.30 -7.72 14.16
C HIS A 250 -14.71 -8.26 12.82
N GLU A 251 -13.99 -7.92 11.77
CA GLU A 251 -14.50 -8.20 10.42
C GLU A 251 -14.53 -9.69 10.12
N GLU A 252 -13.57 -10.44 10.66
CA GLU A 252 -13.57 -11.88 10.43
C GLU A 252 -14.80 -12.54 11.09
N ILE A 253 -15.26 -12.01 12.20
CA ILE A 253 -16.48 -12.55 12.81
C ILE A 253 -17.68 -12.12 11.97
N LEU A 254 -17.77 -10.83 11.68
CA LEU A 254 -18.84 -10.23 10.94
C LEU A 254 -19.11 -10.93 9.61
N ARG A 255 -18.03 -11.23 8.87
CA ARG A 255 -18.10 -11.85 7.55
C ARG A 255 -17.72 -13.34 7.56
N ASP A 256 -17.88 -14.01 8.70
CA ASP A 256 -17.87 -15.47 8.72
C ASP A 256 -16.59 -16.05 8.15
N GLY A 257 -15.47 -15.40 8.51
CA GLY A 257 -14.15 -15.86 8.13
C GLY A 257 -13.44 -14.97 7.09
N ASP A 258 -14.19 -14.12 6.42
CA ASP A 258 -13.64 -13.27 5.38
C ASP A 258 -13.10 -11.97 6.02
N ALA A 259 -11.90 -12.12 6.59
CA ALA A 259 -11.28 -11.18 7.51
C ALA A 259 -10.85 -9.85 6.85
N TYR A 260 -10.53 -8.91 7.70
CA TYR A 260 -9.61 -7.84 7.29
C TYR A 260 -8.23 -8.44 7.46
N TYR A 261 -7.39 -8.33 6.43
CA TYR A 261 -6.07 -8.90 6.45
C TYR A 261 -4.98 -7.81 6.46
N ALA A 262 -3.78 -8.22 6.73
CA ALA A 262 -2.59 -7.36 6.62
C ALA A 262 -2.09 -7.35 5.17
N TRP A 263 -2.98 -7.10 4.22
CA TRP A 263 -2.67 -7.23 2.80
C TRP A 263 -1.48 -6.38 2.38
N ASP A 264 -1.61 -5.09 2.57
CA ASP A 264 -0.60 -4.14 2.15
C ASP A 264 0.60 -4.16 3.05
N ALA A 265 0.39 -4.38 4.34
CA ALA A 265 1.46 -4.47 5.28
C ALA A 265 2.43 -5.61 4.93
N LEU A 266 1.89 -6.77 4.56
CA LEU A 266 2.72 -7.88 4.17
C LEU A 266 3.50 -7.56 2.88
N THR A 267 2.82 -6.91 1.95
CA THR A 267 3.44 -6.45 0.70
C THR A 267 4.68 -5.58 0.97
N ALA A 268 4.50 -4.57 1.86
CA ALA A 268 5.61 -3.71 2.25
C ALA A 268 6.70 -4.49 3.00
N ALA A 269 6.30 -5.46 3.81
CA ALA A 269 7.24 -6.26 4.56
C ALA A 269 8.21 -6.98 3.62
N TYR A 270 7.77 -7.38 2.42
CA TYR A 270 8.66 -8.02 1.45
C TYR A 270 9.81 -7.15 1.02
N ILE A 271 9.56 -5.85 0.92
CA ILE A 271 10.63 -4.90 0.58
C ILE A 271 11.66 -4.86 1.67
N LEU A 272 11.22 -4.96 2.91
CA LEU A 272 12.09 -4.96 4.08
C LEU A 272 12.78 -6.27 4.28
N GLU A 273 12.13 -7.36 3.90
CA GLU A 273 12.59 -8.72 4.16
C GLU A 273 12.25 -9.61 2.98
N PRO A 274 13.08 -9.59 1.92
CA PRO A 274 12.72 -10.36 0.74
C PRO A 274 12.63 -11.88 0.93
N THR A 275 13.15 -12.43 2.03
CA THR A 275 13.02 -13.83 2.27
C THR A 275 11.71 -14.19 2.96
N ILE A 276 10.83 -13.19 3.17
CA ILE A 276 9.57 -13.43 3.85
C ILE A 276 8.64 -14.33 3.04
N ALA A 277 8.86 -14.46 1.74
CA ALA A 277 8.02 -15.32 0.91
C ALA A 277 8.87 -15.87 -0.23
N THR A 278 8.35 -16.91 -0.85
CA THR A 278 8.98 -17.52 -2.04
C THR A 278 8.23 -17.02 -3.25
N LEU A 279 8.87 -16.88 -4.39
CA LEU A 279 8.25 -16.34 -5.60
C LEU A 279 8.07 -17.41 -6.66
N GLU A 280 6.93 -17.39 -7.31
CA GLU A 280 6.62 -18.31 -8.38
C GLU A 280 6.26 -17.50 -9.64
N PRO A 281 7.05 -17.65 -10.72
CA PRO A 281 6.67 -16.99 -11.95
C PRO A 281 5.35 -17.55 -12.49
N VAL A 282 4.44 -16.65 -12.87
CA VAL A 282 3.11 -17.02 -13.38
C VAL A 282 2.71 -16.03 -14.50
N ALA A 283 2.14 -16.55 -15.59
CA ALA A 283 1.46 -15.75 -16.62
C ALA A 283 0.01 -15.61 -16.25
N LEU A 284 -0.49 -14.36 -16.25
CA LEU A 284 -1.86 -14.10 -15.87
C LEU A 284 -2.66 -13.58 -17.09
N ASP A 285 -3.97 -13.78 -17.07
CA ASP A 285 -4.85 -13.18 -18.09
C ASP A 285 -5.96 -12.32 -17.42
N VAL A 286 -5.67 -11.04 -17.20
CA VAL A 286 -6.53 -10.15 -16.42
C VAL A 286 -7.86 -9.95 -17.15
N ASP A 287 -8.94 -10.26 -16.47
CA ASP A 287 -10.27 -10.11 -17.04
C ASP A 287 -10.70 -8.62 -17.00
N VAL A 288 -10.85 -8.00 -18.17
CA VAL A 288 -11.31 -6.61 -18.29
C VAL A 288 -12.75 -6.49 -18.80
N SER A 289 -13.43 -7.63 -18.92
CA SER A 289 -14.83 -7.67 -19.33
C SER A 289 -15.77 -7.04 -18.33
N LYS A 290 -17.03 -6.88 -18.69
CA LYS A 290 -18.10 -6.38 -17.83
C LYS A 290 -18.98 -7.47 -17.28
N GLY A 291 -18.53 -8.73 -17.43
CA GLY A 291 -19.25 -9.84 -16.87
C GLY A 291 -18.88 -10.09 -15.42
N LYS A 292 -19.40 -11.19 -14.89
CA LYS A 292 -19.32 -11.45 -13.46
C LYS A 292 -17.90 -11.67 -12.99
N SER A 293 -17.00 -12.02 -13.89
CA SER A 293 -15.59 -12.26 -13.58
C SER A 293 -14.69 -11.05 -13.81
N GLU A 294 -15.27 -9.88 -14.06
CA GLU A 294 -14.52 -8.65 -14.22
C GLU A 294 -13.49 -8.51 -13.10
N GLY A 295 -12.24 -8.29 -13.47
CA GLY A 295 -11.17 -8.09 -12.52
C GLY A 295 -10.47 -9.36 -12.07
N ARG A 296 -10.94 -10.53 -12.49
CA ARG A 296 -10.24 -11.77 -12.13
CA ARG A 296 -10.25 -11.76 -12.12
C ARG A 296 -8.85 -11.78 -12.72
N THR A 297 -7.91 -12.40 -11.99
CA THR A 297 -6.54 -12.61 -12.48
C THR A 297 -6.23 -14.11 -12.56
N PRO A 298 -6.89 -14.80 -13.49
CA PRO A 298 -6.60 -16.23 -13.60
C PRO A 298 -5.26 -16.47 -14.30
N ARG A 299 -4.70 -17.64 -14.09
CA ARG A 299 -3.55 -18.11 -14.88
C ARG A 299 -3.93 -18.09 -16.36
N ALA A 300 -3.01 -17.62 -17.17
CA ALA A 300 -3.19 -17.71 -18.64
C ALA A 300 -3.16 -19.17 -19.11
N PRO A 306 5.68 -15.71 -18.43
CA PRO A 306 5.41 -15.14 -17.07
C PRO A 306 5.22 -13.60 -17.02
N CYS A 307 4.14 -13.20 -16.34
CA CYS A 307 3.77 -11.80 -16.15
C CYS A 307 4.36 -11.27 -14.84
N VAL A 308 4.23 -12.10 -13.81
CA VAL A 308 4.59 -11.68 -12.48
C VAL A 308 5.26 -12.79 -11.70
N HIS A 309 5.85 -12.42 -10.58
CA HIS A 309 6.37 -13.34 -9.59
C HIS A 309 5.41 -13.32 -8.42
N VAL A 310 4.60 -14.37 -8.28
CA VAL A 310 3.58 -14.46 -7.24
C VAL A 310 4.17 -14.91 -5.92
N ALA A 311 3.88 -14.18 -4.83
CA ALA A 311 4.39 -14.55 -3.52
C ALA A 311 3.66 -15.82 -3.03
N ARG A 312 4.44 -16.74 -2.42
CA ARG A 312 3.90 -18.01 -1.94
C ARG A 312 4.46 -18.23 -0.52
N ASN A 313 3.61 -18.83 0.30
CA ASN A 313 4.06 -19.35 1.61
C ASN A 313 4.80 -18.28 2.46
N PRO A 314 4.14 -17.13 2.66
CA PRO A 314 4.78 -16.12 3.48
C PRO A 314 4.93 -16.55 4.93
N SER A 315 5.98 -16.06 5.57
CA SER A 315 6.20 -16.34 7.00
C SER A 315 5.45 -15.43 7.94
N LYS A 316 4.40 -15.96 8.54
CA LYS A 316 3.64 -15.25 9.56
C LYS A 316 4.54 -14.79 10.69
N GLN A 317 5.44 -15.63 11.13
CA GLN A 317 6.31 -15.27 12.25
C GLN A 317 7.24 -14.10 11.89
N MET A 318 7.86 -14.14 10.71
CA MET A 318 8.73 -13.06 10.32
C MET A 318 7.94 -11.75 10.19
N PHE A 319 6.74 -11.85 9.63
CA PHE A 319 5.89 -10.68 9.53
C PHE A 319 5.57 -10.07 10.91
N HIS A 320 5.11 -10.92 11.81
CA HIS A 320 4.83 -10.50 13.17
C HIS A 320 6.00 -9.81 13.83
N ASP A 321 7.16 -10.44 13.72
CA ASP A 321 8.32 -9.88 14.37
C ASP A 321 8.69 -8.52 13.80
N LEU A 322 8.59 -8.38 12.49
CA LEU A 322 8.92 -7.14 11.82
C LEU A 322 7.95 -6.03 12.23
N VAL A 323 6.66 -6.34 12.30
CA VAL A 323 5.69 -5.31 12.66
C VAL A 323 5.92 -4.84 14.09
N PHE A 324 6.09 -5.76 15.02
CA PHE A 324 6.27 -5.40 16.42
C PHE A 324 7.57 -4.63 16.65
N ALA A 325 8.63 -5.03 15.98
CA ALA A 325 9.89 -4.29 16.10
C ALA A 325 9.78 -2.88 15.51
N SER A 326 9.18 -2.78 14.32
CA SER A 326 9.09 -1.49 13.63
C SER A 326 8.30 -0.50 14.44
N THR A 327 7.28 -0.98 15.16
CA THR A 327 6.40 -0.11 15.94
C THR A 327 6.96 0.24 17.31
N ARG A 328 8.18 -0.24 17.63
CA ARG A 328 8.91 0.22 18.77
C ARG A 328 9.98 1.26 18.38
N VAL A 329 10.03 1.68 17.10
CA VAL A 329 11.06 2.60 16.64
C VAL A 329 10.82 3.96 17.27
N CYS A 330 9.55 4.37 17.43
CA CYS A 330 9.14 5.59 18.11
C CYS A 330 7.66 5.62 18.41
O5' AGV B . -8.38 -6.11 -1.47
C5' AGV B . -7.43 -5.64 -0.51
C4' AGV B . -7.02 -4.18 -0.62
C3' AGV B . -5.75 -3.83 0.16
O3' AGV B . -4.89 -2.98 -0.60
N4' AGV B . -8.03 -3.20 -0.07
C1' AGV B . -7.72 -3.10 1.40
C2' AGV B . -6.25 -3.16 1.45
O2' AGV B . -5.75 -1.81 1.61
C7 AGV B . -9.52 -3.35 -0.47
C9 AGV B . -10.35 -4.06 0.55
C8 AGV B . -10.72 -5.38 0.46
N7 AGV B . -11.46 -5.69 1.56
C5 AGV B . -11.58 -4.59 2.38
C4 AGV B . -10.88 -3.56 1.75
C6 AGV B . -12.20 -4.39 3.62
N6 AGV B . -12.84 -5.36 4.30
N1 AGV B . -12.11 -3.15 4.16
C2 AGV B . -11.46 -2.21 3.50
N3 AGV B . -10.83 -2.34 2.32
CA CA C . -4.78 -0.47 -0.17
NI NI D . 12.80 19.29 9.99
NI NI E . 26.05 -2.55 2.52
C TRS F . 11.83 21.80 10.08
C TRS F . 11.69 22.04 9.67
C1 TRS F . 11.50 21.40 8.63
C1 TRS F . 11.71 21.45 8.26
C2 TRS F . 10.82 21.12 11.04
C2 TRS F . 10.54 21.47 10.51
C3 TRS F . 11.73 23.31 10.23
C3 TRS F . 12.99 21.86 10.44
N TRS F . 13.18 21.29 10.39
N TRS F . 11.52 23.50 9.53
O1 TRS F . 11.69 19.97 8.48
O1 TRS F . 11.54 20.04 8.25
O2 TRS F . 11.15 19.71 11.18
O2 TRS F . 10.70 20.07 10.71
O3 TRS F . 10.49 23.79 9.70
O3 TRS F . 13.94 21.21 9.65
NI NI G . 7.14 19.18 -5.87
NI NI H . 4.12 -11.64 19.59
#